data_9D40
#
_entry.id   9D40
#
_cell.length_a   72.520
_cell.length_b   40.980
_cell.length_c   101.870
_cell.angle_alpha   90.000
_cell.angle_beta   97.820
_cell.angle_gamma   90.000
#
_symmetry.space_group_name_H-M   'C 1 2 1'
#
loop_
_entity.id
_entity.type
_entity.pdbx_description
1 polymer 'Mannan-binding lectin serine protease 2 B chain'
2 non-polymer GLYCEROL
3 non-polymer N-{[4-(2-amino-1H-imidazol-4-yl)phenyl]methyl}-2-[4-(benzenesulfonamido)phenyl]acetamide
4 water water
#
_entity_poly.entity_id   1
_entity_poly.type   'polypeptide(L)'
_entity_poly.pdbx_seq_one_letter_code
;IVDCGPPDDLPSGRVEYITGPGVTTYKAVIQYSCEETFYTMKVNDGKYVCEADGFWTSSKGEKSLPVCEPVCGLSARTTG
GRIYGGQKAKPGDFPWQVLILGGTTAAGALLYDNWVLTAAHAVYEQKHDASALDIRMGTLKRLSPHYTQAWSEAVFIHEG
YTHDAGFDNDIALIKLNNKVVINSNITPICLPRKEAESFMRTDDIGTASGWGLTQRGFLARNLMYVDIPIVDHQKCTAAY
EKPPYPRGSVTANMLCAGLESGGKDSCRGDSGGALVFLDSETERWFVGGIVSWGSMNCGEAGQYGVYTKVINYIPWIENI
ISDF
;
_entity_poly.pdbx_strand_id   A
#
loop_
_chem_comp.id
_chem_comp.type
_chem_comp.name
_chem_comp.formula
A1A1Z non-polymer N-{[4-(2-amino-1H-imidazol-4-yl)phenyl]methyl}-2-[4-(benzenesulfonamido)phenyl]acetamide 'C24 H23 N5 O3 S'
GOL non-polymer GLYCEROL 'C3 H8 O3'
#
# COMPACT_ATOMS: atom_id res chain seq x y z
N VAL A 2 -20.25 -39.82 -9.32
CA VAL A 2 -19.12 -39.03 -9.78
C VAL A 2 -17.98 -38.91 -8.74
N ASP A 3 -18.25 -38.29 -7.59
CA ASP A 3 -17.32 -38.10 -6.46
C ASP A 3 -16.24 -37.02 -6.63
N CYS A 4 -16.47 -35.82 -6.08
CA CYS A 4 -15.54 -34.71 -6.27
C CYS A 4 -14.44 -34.59 -5.20
N GLY A 5 -14.33 -35.50 -4.24
CA GLY A 5 -13.21 -35.52 -3.32
C GLY A 5 -13.30 -34.47 -2.20
N PRO A 6 -12.36 -34.47 -1.25
CA PRO A 6 -12.36 -33.41 -0.20
C PRO A 6 -12.05 -32.03 -0.75
N PRO A 7 -12.90 -31.01 -0.49
CA PRO A 7 -12.61 -29.71 -1.10
C PRO A 7 -11.32 -29.05 -0.70
N ASP A 8 -10.89 -28.13 -1.55
CA ASP A 8 -9.70 -27.34 -1.23
C ASP A 8 -10.02 -26.34 -0.12
N ASP A 9 -9.02 -26.08 0.72
CA ASP A 9 -9.15 -25.04 1.73
C ASP A 9 -9.20 -23.66 1.07
N LEU A 10 -9.97 -22.76 1.68
CA LEU A 10 -9.99 -21.36 1.29
C LEU A 10 -9.09 -20.58 2.21
N PRO A 11 -8.00 -19.95 1.75
CA PRO A 11 -7.23 -19.08 2.66
C PRO A 11 -8.07 -17.95 3.22
N SER A 12 -7.81 -17.63 4.50
CA SER A 12 -8.56 -16.65 5.27
C SER A 12 -10.05 -16.99 5.24
N GLY A 13 -10.34 -18.28 5.27
CA GLY A 13 -11.70 -18.79 5.26
C GLY A 13 -11.71 -20.25 5.64
N ARG A 14 -12.90 -20.82 5.63
CA ARG A 14 -13.08 -22.24 5.91
C ARG A 14 -14.10 -22.83 4.95
N VAL A 15 -13.87 -24.10 4.57
CA VAL A 15 -14.83 -24.90 3.81
C VAL A 15 -15.58 -25.78 4.80
N GLU A 16 -16.91 -25.83 4.65
CA GLU A 16 -17.77 -26.58 5.54
C GLU A 16 -18.69 -27.48 4.73
N TYR A 17 -18.79 -28.75 5.13
CA TYR A 17 -19.72 -29.68 4.50
C TYR A 17 -21.16 -29.33 4.86
N ILE A 18 -22.03 -29.36 3.85
CA ILE A 18 -23.44 -29.04 3.98
C ILE A 18 -24.31 -30.29 3.95
N THR A 19 -24.07 -31.18 2.98
CA THR A 19 -24.80 -32.44 2.92
C THR A 19 -24.54 -33.26 4.18
N GLY A 20 -23.27 -33.42 4.53
CA GLY A 20 -22.91 -34.10 5.75
C GLY A 20 -21.41 -34.20 5.83
N PRO A 21 -20.86 -34.42 7.04
CA PRO A 21 -19.40 -34.45 7.19
C PRO A 21 -18.76 -35.57 6.37
N GLY A 22 -17.77 -35.20 5.55
CA GLY A 22 -17.14 -36.14 4.64
C GLY A 22 -17.94 -36.56 3.42
N VAL A 23 -18.95 -35.78 3.02
CA VAL A 23 -19.87 -36.15 1.94
C VAL A 23 -19.47 -35.40 0.67
N THR A 24 -18.92 -36.15 -0.30
CA THR A 24 -18.25 -35.58 -1.47
C THR A 24 -18.64 -36.30 -2.76
N THR A 25 -19.93 -36.59 -2.95
CA THR A 25 -20.46 -37.34 -4.10
C THR A 25 -21.21 -36.39 -5.03
N TYR A 26 -21.68 -36.93 -6.17
CA TYR A 26 -22.32 -36.12 -7.21
C TYR A 26 -23.53 -35.39 -6.65
N LYS A 27 -23.69 -34.14 -7.04
CA LYS A 27 -24.75 -33.22 -6.63
C LYS A 27 -24.63 -32.78 -5.16
N ALA A 28 -23.62 -33.22 -4.42
CA ALA A 28 -23.43 -32.80 -3.04
C ALA A 28 -23.12 -31.30 -3.00
N VAL A 29 -23.06 -30.75 -1.78
CA VAL A 29 -22.88 -29.30 -1.60
C VAL A 29 -21.89 -29.04 -0.48
N ILE A 30 -21.03 -28.06 -0.72
CA ILE A 30 -20.15 -27.47 0.26
C ILE A 30 -20.44 -25.98 0.31
N GLN A 31 -19.85 -25.33 1.32
CA GLN A 31 -19.98 -23.89 1.51
C GLN A 31 -18.65 -23.32 1.97
N TYR A 32 -18.17 -22.36 1.19
CA TYR A 32 -16.96 -21.60 1.49
C TYR A 32 -17.37 -20.29 2.15
N SER A 33 -16.60 -19.91 3.17
CA SER A 33 -16.88 -18.72 3.98
C SER A 33 -15.60 -17.92 4.23
N CYS A 34 -15.71 -16.61 4.01
CA CYS A 34 -14.73 -15.64 4.48
C CYS A 34 -15.23 -15.03 5.78
N GLU A 35 -14.29 -14.54 6.58
CA GLU A 35 -14.63 -13.72 7.74
C GLU A 35 -15.07 -12.34 7.24
N GLU A 36 -16.40 -12.15 7.16
CA GLU A 36 -17.02 -10.98 6.52
C GLU A 36 -16.58 -9.64 7.13
N THR A 37 -16.13 -9.60 8.38
CA THR A 37 -15.82 -8.32 9.02
C THR A 37 -14.58 -7.69 8.38
N PHE A 38 -13.46 -8.42 8.36
CA PHE A 38 -12.20 -7.93 7.81
C PHE A 38 -11.79 -8.60 6.49
N TYR A 39 -12.59 -9.54 5.98
CA TYR A 39 -12.40 -10.11 4.66
C TYR A 39 -13.73 -10.09 3.93
N THR A 40 -13.69 -9.92 2.62
CA THR A 40 -14.87 -9.97 1.77
C THR A 40 -14.64 -11.03 0.71
N MET A 41 -15.62 -11.93 0.57
CA MET A 41 -15.57 -12.93 -0.48
C MET A 41 -15.78 -12.27 -1.83
N LYS A 42 -14.84 -12.50 -2.74
CA LYS A 42 -14.89 -12.12 -4.13
C LYS A 42 -15.17 -13.37 -4.95
N VAL A 43 -15.41 -13.18 -6.25
CA VAL A 43 -15.73 -14.24 -7.23
C VAL A 43 -17.21 -14.66 -7.20
N ASN A 44 -17.68 -15.30 -6.13
CA ASN A 44 -19.07 -15.82 -6.13
C ASN A 44 -19.56 -15.95 -4.69
N ASP A 45 -20.78 -16.51 -4.51
CA ASP A 45 -21.37 -16.82 -3.23
C ASP A 45 -20.72 -18.01 -2.52
N GLY A 46 -19.71 -18.64 -3.11
CA GLY A 46 -19.01 -19.69 -2.39
C GLY A 46 -19.83 -20.95 -2.17
N LYS A 47 -20.96 -21.09 -2.86
CA LYS A 47 -21.75 -22.33 -2.85
C LYS A 47 -21.31 -23.14 -4.06
N TYR A 48 -20.72 -24.30 -3.80
CA TYR A 48 -20.18 -25.15 -4.85
C TYR A 48 -20.84 -26.52 -4.76
N VAL A 49 -20.97 -27.15 -5.92
CA VAL A 49 -21.67 -28.41 -6.05
C VAL A 49 -20.87 -29.33 -6.96
N CYS A 50 -20.86 -30.61 -6.59
CA CYS A 50 -20.16 -31.64 -7.34
C CYS A 50 -20.85 -31.88 -8.68
N GLU A 51 -20.22 -31.47 -9.77
CA GLU A 51 -20.78 -31.62 -11.10
C GLU A 51 -20.41 -32.99 -11.66
N ALA A 52 -21.01 -33.32 -12.80
CA ALA A 52 -20.86 -34.66 -13.38
C ALA A 52 -19.41 -34.98 -13.73
N ASP A 53 -18.61 -33.97 -14.03
CA ASP A 53 -17.22 -34.12 -14.43
C ASP A 53 -16.26 -34.30 -13.26
N GLY A 54 -16.74 -34.42 -12.01
CA GLY A 54 -15.88 -34.63 -10.86
C GLY A 54 -15.18 -33.40 -10.30
N PHE A 55 -15.60 -32.20 -10.69
CA PHE A 55 -15.01 -30.95 -10.22
C PHE A 55 -16.06 -30.16 -9.44
N TRP A 56 -15.68 -29.68 -8.25
CA TRP A 56 -16.49 -28.70 -7.53
C TRP A 56 -16.67 -27.48 -8.39
N THR A 57 -17.93 -27.10 -8.63
CA THR A 57 -18.31 -26.07 -9.58
C THR A 57 -19.15 -25.01 -8.91
N SER A 58 -18.81 -23.74 -9.14
CA SER A 58 -19.55 -22.67 -8.50
C SER A 58 -20.90 -22.50 -9.19
N SER A 59 -21.77 -21.70 -8.55
CA SER A 59 -23.07 -21.39 -9.11
C SER A 59 -22.96 -20.71 -10.48
N LYS A 60 -21.83 -20.05 -10.76
CA LYS A 60 -21.56 -19.43 -12.05
C LYS A 60 -20.78 -20.33 -13.00
N GLY A 61 -20.54 -21.60 -12.63
CA GLY A 61 -19.85 -22.52 -13.51
C GLY A 61 -18.34 -22.52 -13.42
N GLU A 62 -17.76 -21.68 -12.58
CA GLU A 62 -16.30 -21.63 -12.44
C GLU A 62 -15.80 -22.87 -11.72
N LYS A 63 -14.63 -23.35 -12.13
CA LYS A 63 -13.97 -24.49 -11.49
C LYS A 63 -12.90 -24.08 -10.47
N SER A 64 -12.77 -22.79 -10.19
CA SER A 64 -11.74 -22.28 -9.29
C SER A 64 -12.35 -21.84 -7.97
N LEU A 65 -11.46 -21.65 -6.98
CA LEU A 65 -11.86 -21.26 -5.64
C LEU A 65 -12.36 -19.82 -5.65
N PRO A 66 -13.16 -19.41 -4.66
CA PRO A 66 -13.39 -17.99 -4.43
C PRO A 66 -12.17 -17.41 -3.72
N VAL A 67 -12.18 -16.09 -3.51
CA VAL A 67 -11.03 -15.38 -2.93
C VAL A 67 -11.54 -14.53 -1.77
N CYS A 68 -10.90 -14.66 -0.63
CA CYS A 68 -11.12 -13.79 0.52
C CYS A 68 -10.10 -12.66 0.42
N GLU A 69 -10.59 -11.44 0.12
CA GLU A 69 -9.78 -10.26 -0.03
C GLU A 69 -9.91 -9.42 1.24
N PRO A 70 -8.83 -9.01 1.90
CA PRO A 70 -9.01 -8.21 3.12
C PRO A 70 -9.68 -6.88 2.83
N VAL A 71 -10.49 -6.43 3.79
CA VAL A 71 -11.10 -5.12 3.69
C VAL A 71 -10.00 -4.05 3.79
N CYS A 72 -10.04 -3.07 2.90
CA CYS A 72 -9.02 -2.05 2.76
C CYS A 72 -9.56 -0.65 3.00
N GLY A 73 -8.67 0.27 3.42
CA GLY A 73 -8.97 1.68 3.48
C GLY A 73 -9.75 2.11 4.69
N LEU A 74 -9.87 1.26 5.69
CA LEU A 74 -10.48 1.63 6.95
C LEU A 74 -9.55 2.50 7.77
N SER A 75 -10.14 3.44 8.52
CA SER A 75 -9.33 4.37 9.29
C SER A 75 -10.17 4.93 10.45
N ALA A 76 -9.47 5.17 11.57
CA ALA A 76 -10.05 5.78 12.75
C ALA A 76 -10.32 7.26 12.59
N ARG A 77 -9.78 7.90 11.55
CA ARG A 77 -10.07 9.31 11.30
C ARG A 77 -11.41 9.35 10.57
N ILE A 83 7.90 14.19 8.61
CA ILE A 83 6.68 14.97 8.40
C ILE A 83 6.89 16.32 9.07
N TYR A 84 6.77 17.41 8.28
CA TYR A 84 6.91 18.80 8.71
C TYR A 84 5.53 19.40 8.92
N GLY A 85 5.33 20.09 10.03
CA GLY A 85 4.08 20.77 10.25
C GLY A 85 2.85 19.92 10.51
N GLY A 86 3.02 18.71 11.03
CA GLY A 86 1.94 17.78 11.20
C GLY A 86 1.60 17.53 12.65
N GLN A 87 0.94 16.40 12.89
CA GLN A 87 0.34 16.06 14.17
C GLN A 87 0.54 14.57 14.42
N LYS A 88 0.45 14.19 15.70
CA LYS A 88 0.71 12.81 16.10
C LYS A 88 -0.50 11.96 15.78
N ALA A 89 -0.25 10.84 15.08
CA ALA A 89 -1.30 9.91 14.74
C ALA A 89 -1.77 9.13 15.97
N LYS A 90 -3.01 8.69 15.94
CA LYS A 90 -3.62 7.82 16.92
C LYS A 90 -3.71 6.38 16.42
N PRO A 91 -3.85 5.40 17.32
CA PRO A 91 -4.01 4.00 16.87
C PRO A 91 -5.20 3.86 15.95
N GLY A 92 -5.00 3.07 14.90
CA GLY A 92 -5.97 2.88 13.85
C GLY A 92 -6.11 4.02 12.86
N ASP A 93 -5.36 5.13 12.99
CA ASP A 93 -5.48 6.21 12.00
C ASP A 93 -4.94 5.77 10.64
N PHE A 94 -3.80 5.04 10.65
CA PHE A 94 -3.09 4.62 9.44
C PHE A 94 -2.71 3.16 9.63
N PRO A 95 -3.69 2.25 9.68
CA PRO A 95 -3.38 0.83 10.02
C PRO A 95 -2.57 0.10 8.96
N TRP A 96 -2.42 0.69 7.78
CA TRP A 96 -1.56 0.16 6.74
C TRP A 96 -0.10 0.56 6.93
N GLN A 97 0.20 1.47 7.85
CA GLN A 97 1.55 2.00 7.94
C GLN A 97 2.53 0.90 8.34
N VAL A 98 3.62 0.84 7.59
CA VAL A 98 4.69 -0.13 7.79
C VAL A 98 6.00 0.62 8.02
N LEU A 99 6.79 0.14 8.98
CA LEU A 99 8.17 0.57 9.18
C LEU A 99 9.13 -0.46 8.59
N ILE A 100 10.11 0.02 7.82
CA ILE A 100 11.11 -0.80 7.14
C ILE A 100 12.48 -0.35 7.62
N LEU A 101 13.20 -1.22 8.33
CA LEU A 101 14.54 -0.89 8.83
C LEU A 101 15.63 -1.58 8.03
N GLY A 103 18.54 -0.54 6.63
CA GLY A 103 19.19 0.62 6.05
C GLY A 103 18.94 1.89 6.85
N THR A 104 18.46 2.95 6.18
CA THR A 104 18.00 4.16 6.85
C THR A 104 16.52 3.99 7.22
N THR A 105 15.96 4.97 7.95
CA THR A 105 14.55 4.86 8.31
C THR A 105 13.69 5.02 7.04
N ALA A 106 12.72 4.13 6.85
CA ALA A 106 11.82 4.26 5.70
C ALA A 106 10.50 3.58 6.05
N ALA A 107 9.54 3.62 5.12
CA ALA A 107 8.18 3.20 5.40
C ALA A 107 7.59 2.52 4.17
N GLY A 108 6.46 1.87 4.40
CA GLY A 108 5.62 1.45 3.27
C GLY A 108 4.17 1.38 3.69
N ALA A 109 3.36 0.75 2.84
CA ALA A 109 1.94 0.57 3.11
C ALA A 109 1.53 -0.85 2.80
N LEU A 110 0.79 -1.47 3.73
CA LEU A 110 0.30 -2.83 3.51
C LEU A 110 -0.77 -2.83 2.41
N LEU A 111 -0.64 -3.80 1.50
CA LEU A 111 -1.63 -4.15 0.49
C LEU A 111 -2.04 -5.62 0.71
N TYR A 112 -3.33 -5.93 0.64
CA TYR A 112 -3.84 -7.26 0.99
C TYR A 112 -3.39 -7.63 2.41
N ASP A 113 -2.91 -8.85 2.64
CA ASP A 113 -2.34 -9.26 3.93
C ASP A 113 -0.90 -9.75 3.78
N ASN A 114 -0.26 -9.54 2.62
CA ASN A 114 1.07 -10.10 2.42
C ASN A 114 1.95 -9.32 1.45
N TRP A 115 1.64 -8.05 1.16
CA TRP A 115 2.46 -7.24 0.30
C TRP A 115 2.67 -5.87 0.94
N VAL A 116 3.83 -5.29 0.68
CA VAL A 116 4.10 -3.93 1.11
C VAL A 116 4.45 -3.08 -0.09
N LEU A 117 3.74 -1.97 -0.24
CA LEU A 117 4.06 -1.00 -1.27
C LEU A 117 5.05 0.02 -0.70
N THR A 118 6.15 0.28 -1.41
CA THR A 118 7.12 1.28 -0.92
C THR A 118 7.78 1.96 -2.13
N ALA A 119 8.79 2.76 -1.86
CA ALA A 119 9.59 3.39 -2.89
C ALA A 119 10.81 2.49 -3.17
N ALA A 120 11.20 2.44 -4.44
CA ALA A 120 12.39 1.68 -4.82
C ALA A 120 13.64 2.21 -4.12
N HIS A 121 13.76 3.53 -4.03
CA HIS A 121 15.01 4.08 -3.47
C HIS A 121 15.16 3.71 -2.01
N ALA A 122 14.05 3.42 -1.32
CA ALA A 122 14.07 3.07 0.09
C ALA A 122 14.58 1.66 0.33
N VAL A 123 14.49 0.78 -0.66
CA VAL A 123 14.84 -0.63 -0.47
C VAL A 123 15.89 -1.13 -1.45
N TYR A 124 16.37 -0.29 -2.37
CA TYR A 124 17.29 -0.74 -3.42
C TYR A 124 18.58 -1.33 -2.83
N GLU A 125 19.19 -0.61 -1.89
CA GLU A 125 20.47 -1.07 -1.35
C GLU A 125 20.29 -2.37 -0.57
N GLN A 126 19.17 -2.50 0.12
CA GLN A 126 18.92 -3.67 0.93
C GLN A 126 18.61 -4.87 0.07
N LYS A 127 17.95 -4.67 -1.06
CA LYS A 127 17.66 -5.78 -1.95
C LYS A 127 18.94 -6.29 -2.57
N HIS A 128 19.76 -5.39 -3.08
CA HIS A 128 20.99 -5.73 -3.79
C HIS A 128 22.17 -5.98 -2.84
N ASP A 129 21.93 -6.04 -1.53
CA ASP A 129 22.80 -6.70 -0.57
C ASP A 129 22.28 -8.07 -0.15
N ALA A 130 21.16 -8.52 -0.74
CA ALA A 130 20.62 -9.88 -0.57
C ALA A 130 20.30 -10.20 0.89
N SER A 131 19.81 -9.21 1.62
CA SER A 131 19.43 -9.35 3.02
C SER A 131 17.94 -9.10 3.17
N ALA A 132 17.25 -9.96 3.92
CA ALA A 132 15.82 -9.78 4.14
C ALA A 132 15.54 -8.47 4.87
N LEU A 133 14.37 -7.88 4.60
CA LEU A 133 13.97 -6.59 5.18
C LEU A 133 13.25 -6.82 6.50
N ASP A 134 13.63 -6.02 7.52
CA ASP A 134 13.00 -6.02 8.84
C ASP A 134 11.79 -5.08 8.76
N ILE A 135 10.60 -5.68 8.81
CA ILE A 135 9.34 -5.02 8.49
C ILE A 135 8.50 -5.07 9.75
N ARG A 136 8.04 -3.91 10.20
CA ARG A 136 7.30 -3.81 11.45
C ARG A 136 6.00 -3.09 11.25
N MET A 137 4.95 -3.62 11.90
CA MET A 137 3.60 -3.07 11.77
C MET A 137 2.93 -3.03 13.14
N GLY A 138 1.84 -2.32 13.20
CA GLY A 138 1.03 -2.29 14.39
C GLY A 138 1.57 -1.45 15.52
N THR A 139 2.53 -0.57 15.24
CA THR A 139 3.18 0.26 16.27
C THR A 139 3.23 1.70 15.78
N LEU A 140 2.88 2.63 16.66
CA LEU A 140 3.08 4.04 16.40
C LEU A 140 4.49 4.51 16.77
N LYS A 141 5.21 3.76 17.62
CA LYS A 141 6.52 4.18 18.13
C LYS A 141 7.61 3.45 17.38
N ARG A 142 8.42 4.20 16.64
CA ARG A 142 9.49 3.66 15.79
C ARG A 142 10.46 2.79 16.57
N LEU A 143 10.73 3.12 17.82
CA LEU A 143 11.75 2.45 18.62
C LEU A 143 11.14 1.43 19.60
N SER A 144 9.84 1.20 19.54
CA SER A 144 9.24 0.28 20.50
C SER A 144 9.70 -1.16 20.24
N PRO A 145 9.84 -1.96 21.30
CA PRO A 145 10.08 -3.40 21.12
C PRO A 145 8.82 -4.20 20.88
N HIS A 146 7.65 -3.60 21.04
CA HIS A 146 6.36 -4.25 20.84
C HIS A 146 5.79 -3.90 19.47
N TYR A 147 5.72 -4.88 18.58
CA TYR A 147 5.21 -4.69 17.23
C TYR A 147 4.97 -6.07 16.63
N THR A 148 4.22 -6.09 15.54
CA THR A 148 4.08 -7.28 14.70
C THR A 148 5.23 -7.35 13.70
N GLN A 149 5.98 -8.44 13.75
CA GLN A 149 7.12 -8.65 12.87
C GLN A 149 6.65 -9.27 11.56
N ALA A 150 7.23 -8.79 10.45
CA ALA A 150 7.17 -9.49 9.17
C ALA A 150 8.56 -9.53 8.55
N TRP A 151 8.72 -10.41 7.56
CA TRP A 151 9.98 -10.59 6.85
C TRP A 151 9.69 -10.66 5.36
N SER A 152 10.59 -10.09 4.56
CA SER A 152 10.43 -10.17 3.12
C SER A 152 10.86 -11.52 2.60
N GLU A 153 10.05 -12.07 1.71
CA GLU A 153 10.36 -13.23 0.88
C GLU A 153 10.98 -12.79 -0.45
N ALA A 154 10.63 -11.60 -0.95
CA ALA A 154 11.04 -11.13 -2.25
C ALA A 154 10.76 -9.63 -2.38
N VAL A 155 11.57 -8.97 -3.20
CA VAL A 155 11.51 -7.52 -3.39
C VAL A 155 11.53 -7.28 -4.88
N PHE A 156 10.53 -6.55 -5.39
CA PHE A 156 10.40 -6.23 -6.80
C PHE A 156 10.59 -4.73 -6.97
N ILE A 157 11.73 -4.34 -7.54
CA ILE A 157 12.01 -2.97 -7.95
C ILE A 157 11.45 -2.77 -9.36
N HIS A 158 10.82 -1.62 -9.64
CA HIS A 158 10.35 -1.37 -10.99
C HIS A 158 11.49 -1.41 -12.00
N GLU A 159 11.26 -2.09 -13.13
CA GLU A 159 12.33 -2.34 -14.07
C GLU A 159 12.84 -1.05 -14.73
N GLY A 160 12.06 0.04 -14.70
CA GLY A 160 12.41 1.33 -15.24
C GLY A 160 13.06 2.28 -14.23
N TYR A 161 13.26 1.83 -13.02
CA TYR A 161 13.94 2.63 -12.00
C TYR A 161 15.45 2.51 -12.20
N THR A 162 16.16 3.65 -12.15
CA THR A 162 17.61 3.71 -12.28
C THR A 162 18.17 4.39 -11.04
N HIS A 163 18.76 3.58 -10.15
CA HIS A 163 19.17 4.08 -8.84
C HIS A 163 20.24 5.13 -8.97
N ASP A 164 20.09 6.25 -8.25
CA ASP A 164 21.01 7.38 -8.25
C ASP A 164 21.08 8.09 -9.59
N ALA A 165 20.07 7.91 -10.45
CA ALA A 165 19.96 8.64 -11.69
C ALA A 165 18.49 9.01 -11.87
N GLY A 166 17.97 9.79 -10.93
CA GLY A 166 16.62 10.29 -10.97
C GLY A 166 15.61 9.34 -10.34
N PHE A 167 14.39 9.84 -10.16
CA PHE A 167 13.35 9.13 -9.41
C PHE A 167 12.18 8.69 -10.27
N ASP A 168 12.32 8.71 -11.58
CA ASP A 168 11.29 8.13 -12.43
C ASP A 168 11.13 6.63 -12.12
N ASN A 169 9.87 6.19 -11.99
CA ASN A 169 9.52 4.79 -11.68
C ASN A 169 9.99 4.35 -10.30
N ASP A 170 9.92 5.27 -9.32
CA ASP A 170 10.40 5.00 -7.95
C ASP A 170 9.29 4.28 -7.18
N ILE A 171 9.17 2.98 -7.42
CA ILE A 171 8.14 2.16 -6.81
C ILE A 171 8.67 0.74 -6.65
N ALA A 172 8.24 0.08 -5.57
CA ALA A 172 8.68 -1.28 -5.28
C ALA A 172 7.60 -1.99 -4.50
N LEU A 173 7.56 -3.31 -4.67
CA LEU A 173 6.70 -4.21 -3.92
C LEU A 173 7.56 -5.21 -3.13
N ILE A 174 7.17 -5.44 -1.88
CA ILE A 174 7.81 -6.41 -1.01
C ILE A 174 6.78 -7.51 -0.74
N LYS A 175 7.11 -8.76 -1.04
CA LYS A 175 6.23 -9.86 -0.69
C LYS A 175 6.63 -10.35 0.69
N LEU A 176 5.67 -10.50 1.58
CA LEU A 176 5.96 -11.00 2.92
C LEU A 176 5.99 -12.53 2.93
N ASN A 177 6.80 -13.09 3.85
CA ASN A 177 6.92 -14.53 3.97
C ASN A 177 5.62 -15.20 4.39
N ASN A 178 4.81 -14.50 5.17
CA ASN A 178 3.59 -15.04 5.71
C ASN A 178 2.54 -13.94 5.70
N LYS A 179 1.29 -14.37 5.71
CA LYS A 179 0.17 -13.46 5.84
C LYS A 179 0.20 -12.82 7.20
N VAL A 180 0.00 -11.50 7.24
CA VAL A 180 -0.17 -10.80 8.52
C VAL A 180 -1.59 -11.00 9.02
N VAL A 181 -1.73 -11.13 10.33
CA VAL A 181 -3.04 -11.24 10.95
C VAL A 181 -3.70 -9.85 10.98
N ILE A 182 -4.76 -9.71 10.20
CA ILE A 182 -5.51 -8.47 10.04
C ILE A 182 -6.38 -8.24 11.27
N ASN A 183 -6.09 -7.17 12.02
CA ASN A 183 -6.96 -6.71 13.12
C ASN A 183 -7.26 -5.22 12.92
N SER A 184 -7.81 -4.57 13.93
CA SER A 184 -8.21 -3.18 13.77
C SER A 184 -7.02 -2.25 13.61
N ASN A 185 -5.87 -2.60 14.19
CA ASN A 185 -4.70 -1.77 14.07
C ASN A 185 -3.83 -2.12 12.87
N ILE A 186 -4.13 -3.20 12.14
CA ILE A 186 -3.33 -3.61 11.00
C ILE A 186 -4.28 -4.00 9.89
N THR A 187 -4.45 -3.13 8.90
CA THR A 187 -5.30 -3.36 7.73
C THR A 187 -4.70 -2.64 6.52
N PRO A 188 -4.94 -3.15 5.30
CA PRO A 188 -4.31 -2.55 4.13
C PRO A 188 -5.00 -1.27 3.65
N ILE A 189 -4.23 -0.49 2.90
CA ILE A 189 -4.77 0.62 2.13
C ILE A 189 -5.35 0.09 0.81
N CYS A 190 -6.29 0.86 0.23
CA CYS A 190 -6.91 0.51 -1.05
C CYS A 190 -6.04 0.98 -2.22
N LEU A 191 -5.95 0.16 -3.27
CA LEU A 191 -5.36 0.66 -4.49
C LEU A 191 -6.34 1.59 -5.20
N PRO A 192 -5.85 2.61 -5.93
CA PRO A 192 -6.79 3.52 -6.60
C PRO A 192 -7.55 2.86 -7.74
N ARG A 193 -8.82 3.23 -7.86
CA ARG A 193 -9.68 2.80 -8.94
C ARG A 193 -9.55 3.74 -10.11
N LYS A 194 -10.26 3.40 -11.18
CA LYS A 194 -10.24 4.18 -12.40
C LYS A 194 -10.68 5.61 -12.13
N GLU A 195 -11.72 5.77 -11.32
CA GLU A 195 -12.27 7.08 -11.00
C GLU A 195 -11.41 7.87 -10.02
N ALA A 196 -10.39 7.25 -9.43
CA ALA A 196 -9.72 7.81 -8.27
C ALA A 196 -9.10 9.15 -8.54
N GLU A 197 -8.76 9.45 -9.80
CA GLU A 197 -8.20 10.74 -10.15
C GLU A 197 -9.18 11.88 -9.83
N SER A 198 -10.49 11.59 -9.71
CA SER A 198 -11.45 12.63 -9.34
C SER A 198 -11.28 13.09 -7.90
N PHE A 199 -10.56 12.35 -7.07
CA PHE A 199 -10.24 12.80 -5.73
C PHE A 199 -8.81 13.35 -5.60
N MET A 200 -8.08 13.46 -6.72
CA MET A 200 -6.68 13.88 -6.76
C MET A 200 -6.46 15.00 -7.77
N ARG A 201 -7.42 15.91 -7.89
CA ARG A 201 -7.18 17.09 -8.72
C ARG A 201 -6.32 18.09 -7.95
N THR A 202 -5.82 19.10 -8.69
CA THR A 202 -5.18 20.23 -8.05
C THR A 202 -6.05 20.77 -6.93
N ASP A 203 -5.43 20.95 -5.76
CA ASP A 203 -5.97 21.48 -4.51
C ASP A 203 -6.77 20.44 -3.74
N ASP A 204 -6.95 19.21 -4.24
CA ASP A 204 -7.51 18.18 -3.38
C ASP A 204 -6.48 17.82 -2.33
N ILE A 205 -6.95 17.34 -1.18
CA ILE A 205 -6.14 17.17 0.01
C ILE A 205 -5.79 15.70 0.19
N GLY A 206 -4.50 15.43 0.26
CA GLY A 206 -3.99 14.13 0.62
C GLY A 206 -3.28 14.18 1.97
N THR A 207 -3.01 13.00 2.52
CA THR A 207 -2.37 12.89 3.83
C THR A 207 -1.12 12.06 3.70
N ALA A 208 -0.02 12.56 4.22
CA ALA A 208 1.22 11.81 4.34
C ALA A 208 1.45 11.52 5.81
N SER A 209 1.98 10.33 6.09
CA SER A 209 2.25 9.90 7.46
C SER A 209 3.63 9.27 7.51
N GLY A 210 4.32 9.46 8.62
CA GLY A 210 5.62 8.81 8.74
C GLY A 210 6.38 9.27 9.96
N TRP A 211 7.58 8.70 10.10
CA TRP A 211 8.49 9.00 11.20
C TRP A 211 9.68 9.85 10.75
N GLY A 212 9.55 10.51 9.60
CA GLY A 212 10.63 11.24 9.00
C GLY A 212 10.88 12.53 9.77
N LEU A 213 11.80 13.32 9.24
CA LEU A 213 12.19 14.55 9.92
C LEU A 213 11.01 15.49 10.11
N THR A 214 10.98 16.13 11.28
CA THR A 214 10.01 17.17 11.56
C THR A 214 10.67 18.52 11.40
N GLN A 215 9.92 19.58 11.72
CA GLN A 215 10.46 20.94 11.60
C GLN A 215 11.69 21.14 12.47
N ARG A 216 11.82 20.37 13.55
CA ARG A 216 13.01 20.44 14.41
C ARG A 216 14.27 19.92 13.74
N GLY A 217 14.14 19.09 12.67
CA GLY A 217 15.30 18.56 11.98
C GLY A 217 15.78 17.22 12.46
N PHE A 218 15.01 16.54 13.32
CA PHE A 218 15.28 15.18 13.76
C PHE A 218 14.10 14.28 13.39
N LEU A 219 14.35 12.97 13.33
CA LEU A 219 13.27 12.03 13.12
C LEU A 219 12.27 12.09 14.25
N ALA A 220 11.07 11.59 13.98
CA ALA A 220 10.01 11.50 14.97
C ALA A 220 10.05 10.15 15.65
N ARG A 221 9.78 10.16 16.97
CA ARG A 221 9.65 8.94 17.76
C ARG A 221 8.31 8.26 17.53
N ASN A 222 7.25 9.06 17.37
CA ASN A 222 5.87 8.63 17.21
C ASN A 222 5.40 8.96 15.80
N LEU A 223 4.58 8.11 15.21
CA LEU A 223 4.09 8.37 13.88
C LEU A 223 3.33 9.70 13.83
N MET A 224 3.65 10.51 12.82
CA MET A 224 3.02 11.79 12.58
C MET A 224 2.31 11.78 11.24
N TYR A 225 1.43 12.78 11.04
CA TYR A 225 0.79 12.96 9.74
C TYR A 225 0.49 14.43 9.45
N VAL A 226 0.31 14.72 8.17
CA VAL A 226 -0.04 16.08 7.74
C VAL A 226 -0.93 16.01 6.50
N ASP A 227 -1.89 16.93 6.42
CA ASP A 227 -2.76 17.09 5.24
C ASP A 227 -2.18 18.16 4.34
N ILE A 228 -2.07 17.84 3.06
CA ILE A 228 -1.43 18.74 2.09
C ILE A 228 -2.15 18.66 0.75
N PRO A 229 -2.20 19.76 0.00
CA PRO A 229 -2.90 19.76 -1.29
C PRO A 229 -2.01 19.42 -2.45
N ILE A 230 -2.62 18.73 -3.43
CA ILE A 230 -1.96 18.48 -4.70
C ILE A 230 -1.67 19.79 -5.40
N VAL A 231 -0.50 19.83 -6.01
CA VAL A 231 0.07 21.01 -6.64
C VAL A 231 -0.11 20.86 -8.13
N ASP A 232 -0.39 21.96 -8.81
CA ASP A 232 -0.41 21.98 -10.27
C ASP A 232 0.92 21.51 -10.86
N HIS A 233 0.85 20.60 -11.87
CA HIS A 233 2.05 19.91 -12.37
C HIS A 233 3.05 20.88 -12.97
N GLN A 234 2.57 21.93 -13.66
CA GLN A 234 3.48 22.91 -14.22
C GLN A 234 4.22 23.65 -13.11
N LYS A 235 3.51 23.94 -12.01
CA LYS A 235 4.19 24.60 -10.90
C LYS A 235 5.21 23.67 -10.25
N CYS A 236 4.98 22.37 -10.32
CA CYS A 236 5.94 21.50 -9.66
C CYS A 236 7.15 21.28 -10.54
N THR A 237 6.94 21.19 -11.86
N THR A 237 6.95 21.17 -11.86
CA THR A 237 8.06 21.12 -12.80
CA THR A 237 8.10 21.09 -12.76
C THR A 237 8.95 22.36 -12.66
C THR A 237 8.96 22.36 -12.64
N ALA A 238 8.33 23.54 -12.55
CA ALA A 238 9.10 24.77 -12.45
C ALA A 238 9.89 24.85 -11.15
N ALA A 239 9.34 24.31 -10.07
CA ALA A 239 10.04 24.32 -8.79
C ALA A 239 11.39 23.60 -8.84
N TYR A 240 11.56 22.62 -9.73
CA TYR A 240 12.76 21.80 -9.75
C TYR A 240 13.54 21.90 -11.06
N GLU A 241 13.17 22.85 -11.93
CA GLU A 241 13.84 23.05 -13.22
C GLU A 241 14.87 24.16 -13.02
N LYS A 242 15.95 23.78 -12.35
CA LYS A 242 16.97 24.71 -11.89
C LYS A 242 18.12 23.90 -11.29
N PRO A 243 19.33 24.47 -11.19
CA PRO A 243 20.42 23.70 -10.52
C PRO A 243 20.09 23.45 -9.09
N PRO A 244 20.56 22.34 -8.49
CA PRO A 244 21.42 21.30 -9.03
C PRO A 244 20.64 20.15 -9.65
N TYR A 245 19.31 20.32 -9.88
CA TYR A 245 18.51 19.18 -10.31
C TYR A 245 18.74 18.91 -11.80
N PRO A 246 18.84 17.64 -12.21
CA PRO A 246 18.94 17.35 -13.64
C PRO A 246 17.73 17.83 -14.41
N ARG A 247 17.96 17.96 -15.73
CA ARG A 247 16.94 18.34 -16.68
C ARG A 247 15.77 17.38 -16.57
N GLY A 248 14.57 17.93 -16.43
CA GLY A 248 13.39 17.09 -16.45
C GLY A 248 13.27 16.12 -15.28
N SER A 249 13.54 16.61 -14.07
CA SER A 249 13.52 15.73 -12.91
C SER A 249 12.11 15.37 -12.48
N VAL A 250 11.13 16.21 -12.78
CA VAL A 250 9.72 15.95 -12.46
C VAL A 250 9.11 15.37 -13.72
N THR A 251 8.68 14.11 -13.69
CA THR A 251 8.10 13.42 -14.84
C THR A 251 6.58 13.33 -14.72
N ALA A 252 5.95 12.82 -15.79
CA ALA A 252 4.52 12.55 -15.73
C ALA A 252 4.16 11.39 -14.79
N ASN A 253 5.13 10.63 -14.28
CA ASN A 253 4.89 9.58 -13.29
C ASN A 253 5.04 10.08 -11.85
N MET A 254 4.93 11.39 -11.65
CA MET A 254 5.04 11.99 -10.34
C MET A 254 3.92 12.97 -10.14
N LEU A 255 3.58 13.20 -8.88
CA LEU A 255 2.73 14.31 -8.48
C LEU A 255 3.38 15.04 -7.30
N CYS A 256 2.98 16.28 -7.14
CA CYS A 256 3.55 17.13 -6.11
C CYS A 256 2.46 17.59 -5.18
N ALA A 257 2.87 17.79 -3.94
CA ALA A 257 1.97 18.20 -2.90
C ALA A 257 2.73 19.10 -1.94
N GLY A 258 2.07 20.12 -1.46
CA GLY A 258 2.68 21.06 -0.56
C GLY A 258 2.06 22.43 -0.74
N LEU A 259 2.59 23.40 0.01
CA LEU A 259 2.05 24.75 0.09
C LEU A 259 2.97 25.76 -0.59
N GLU A 260 2.38 26.73 -1.28
CA GLU A 260 3.16 27.83 -1.85
C GLU A 260 3.93 28.58 -0.77
N SER A 261 3.37 28.67 0.44
CA SER A 261 3.99 29.35 1.57
C SER A 261 4.95 28.48 2.37
N GLY A 262 4.91 27.16 2.19
CA GLY A 262 5.73 26.27 3.00
C GLY A 262 5.00 25.89 4.27
N GLY A 263 5.67 25.08 5.09
CA GLY A 263 5.18 24.75 6.42
C GLY A 263 4.56 23.38 6.61
N LYS A 264 4.24 22.66 5.53
CA LYS A 264 3.60 21.34 5.64
C LYS A 264 4.19 20.46 4.56
N ASP A 265 4.76 19.32 4.93
CA ASP A 265 5.57 18.58 3.95
C ASP A 265 5.92 17.20 4.49
N SER A 266 6.26 16.31 3.55
CA SER A 266 7.02 15.10 3.88
C SER A 266 8.51 15.47 3.91
N CYS A 267 9.34 14.56 4.40
N CYS A 267 9.33 14.56 4.45
CA CYS A 267 10.78 14.87 4.43
CA CYS A 267 10.76 14.85 4.57
C CYS A 267 11.55 13.54 4.43
C CYS A 267 11.55 13.55 4.45
N ARG A 268 12.86 13.67 4.53
CA ARG A 268 13.71 12.50 4.59
C ARG A 268 13.32 11.65 5.81
N GLY A 269 13.35 10.33 5.61
CA GLY A 269 12.83 9.38 6.58
C GLY A 269 11.38 9.00 6.41
N ASP A 270 10.62 9.75 5.62
CA ASP A 270 9.24 9.43 5.23
C ASP A 270 9.16 8.59 3.95
N SER A 271 10.32 8.32 3.32
CA SER A 271 10.45 7.52 2.09
C SER A 271 9.59 6.27 2.10
N GLY A 272 8.87 6.07 0.99
CA GLY A 272 8.05 4.89 0.84
C GLY A 272 6.68 4.99 1.45
N GLY A 273 6.39 6.05 2.22
CA GLY A 273 5.10 6.16 2.85
C GLY A 273 4.02 6.47 1.83
N ALA A 274 2.78 6.09 2.15
CA ALA A 274 1.69 6.30 1.20
C ALA A 274 1.05 7.67 1.43
N LEU A 275 0.91 8.44 0.34
CA LEU A 275 0.12 9.67 0.34
C LEU A 275 -1.30 9.23 0.03
N VAL A 276 -2.20 9.34 1.02
CA VAL A 276 -3.53 8.73 0.93
C VAL A 276 -4.60 9.79 0.75
N PHE A 277 -5.67 9.37 0.10
CA PHE A 277 -6.83 10.22 -0.22
C PHE A 277 -8.09 9.48 0.15
N LEU A 278 -9.14 10.22 0.52
CA LEU A 278 -10.41 9.62 0.92
C LEU A 278 -11.36 9.60 -0.28
N ASP A 279 -11.80 8.42 -0.69
CA ASP A 279 -12.95 8.28 -1.60
C ASP A 279 -14.19 8.61 -0.79
N SER A 280 -14.73 9.82 -0.99
CA SER A 280 -15.87 10.26 -0.19
C SER A 280 -17.15 9.47 -0.46
N GLU A 281 -17.22 8.71 -1.54
CA GLU A 281 -18.40 7.88 -1.81
C GLU A 281 -18.32 6.51 -1.17
N THR A 282 -17.19 5.80 -1.33
CA THR A 282 -17.01 4.53 -0.65
C THR A 282 -16.65 4.69 0.81
N GLU A 283 -16.19 5.89 1.20
CA GLU A 283 -15.74 6.18 2.56
C GLU A 283 -14.53 5.30 2.93
N ARG A 284 -13.64 5.10 1.95
CA ARG A 284 -12.44 4.28 2.12
C ARG A 284 -11.25 5.09 1.64
N TRP A 285 -10.10 4.94 2.32
CA TRP A 285 -8.90 5.61 1.91
C TRP A 285 -8.16 4.77 0.86
N PHE A 286 -7.52 5.46 -0.07
CA PHE A 286 -6.69 4.81 -1.08
C PHE A 286 -5.36 5.53 -1.21
N VAL A 287 -4.38 4.85 -1.79
CA VAL A 287 -3.05 5.42 -1.98
C VAL A 287 -2.94 6.03 -3.37
N GLY A 288 -2.69 7.34 -3.43
CA GLY A 288 -2.45 8.04 -4.67
C GLY A 288 -0.97 8.31 -4.94
N GLY A 289 -0.15 8.34 -3.89
CA GLY A 289 1.24 8.74 -4.03
C GLY A 289 2.13 7.95 -3.09
N ILE A 290 3.41 7.90 -3.45
CA ILE A 290 4.45 7.29 -2.60
C ILE A 290 5.52 8.35 -2.36
N VAL A 291 5.87 8.56 -1.09
CA VAL A 291 6.88 9.56 -0.75
C VAL A 291 8.18 9.22 -1.44
N SER A 292 8.64 10.13 -2.31
CA SER A 292 9.78 9.88 -3.18
C SER A 292 10.95 10.82 -2.96
N TRP A 293 10.79 12.12 -3.20
CA TRP A 293 11.93 13.01 -3.13
C TRP A 293 11.43 14.46 -3.07
N GLY A 294 12.38 15.39 -3.17
CA GLY A 294 12.11 16.81 -3.07
C GLY A 294 13.41 17.49 -2.68
N SER A 295 13.34 18.79 -2.43
CA SER A 295 14.56 19.52 -2.09
C SER A 295 15.10 19.12 -0.72
N MET A 296 16.36 19.48 -0.46
CA MET A 296 16.95 19.16 0.85
C MET A 296 16.26 19.88 2.00
N ASN A 297 15.56 20.98 1.74
CA ASN A 297 15.01 21.82 2.78
C ASN A 297 13.50 21.62 2.80
N CYS A 298 13.07 20.56 3.49
N CYS A 298 13.06 20.56 3.46
CA CYS A 298 11.65 20.24 3.56
CA CYS A 298 11.65 20.21 3.50
C CYS A 298 10.92 21.37 4.23
C CYS A 298 10.86 21.23 4.31
N GLY A 299 9.68 21.59 3.78
CA GLY A 299 8.84 22.63 4.35
C GLY A 299 9.07 24.04 3.86
N GLU A 300 10.10 24.29 3.04
CA GLU A 300 10.36 25.63 2.56
C GLU A 300 9.38 26.00 1.46
N ALA A 301 9.05 27.29 1.39
CA ALA A 301 8.03 27.79 0.50
C ALA A 301 8.31 27.42 -0.94
N GLY A 302 7.31 26.85 -1.60
CA GLY A 302 7.44 26.45 -2.99
C GLY A 302 8.30 25.25 -3.28
N GLN A 303 8.87 24.60 -2.27
CA GLN A 303 9.77 23.45 -2.47
C GLN A 303 8.95 22.19 -2.17
N TYR A 304 8.16 21.80 -3.16
CA TYR A 304 7.12 20.80 -2.94
C TYR A 304 7.72 19.42 -2.74
N GLY A 305 6.99 18.59 -2.00
CA GLY A 305 7.30 17.16 -1.98
C GLY A 305 6.86 16.53 -3.30
N VAL A 306 7.66 15.57 -3.77
CA VAL A 306 7.38 14.85 -5.01
C VAL A 306 7.11 13.39 -4.67
N TYR A 307 6.07 12.84 -5.30
CA TYR A 307 5.52 11.55 -4.99
C TYR A 307 5.35 10.74 -6.25
N THR A 308 5.67 9.45 -6.20
CA THR A 308 5.41 8.59 -7.35
C THR A 308 3.90 8.51 -7.54
N LYS A 309 3.43 8.63 -8.78
CA LYS A 309 1.99 8.71 -9.10
C LYS A 309 1.46 7.29 -9.26
N VAL A 310 0.75 6.80 -8.24
CA VAL A 310 0.53 5.36 -8.13
C VAL A 310 -0.40 4.85 -9.20
N ILE A 311 -1.39 5.65 -9.61
CA ILE A 311 -2.39 5.12 -10.56
C ILE A 311 -1.75 4.70 -11.88
N ASN A 312 -0.61 5.32 -12.24
CA ASN A 312 0.14 4.96 -13.43
C ASN A 312 0.74 3.56 -13.38
N TYR A 313 0.84 2.96 -12.19
CA TYR A 313 1.54 1.70 -11.96
C TYR A 313 0.59 0.55 -11.66
N ILE A 314 -0.72 0.77 -11.77
CA ILE A 314 -1.68 -0.27 -11.42
C ILE A 314 -1.47 -1.51 -12.28
N PRO A 315 -1.19 -1.41 -13.59
CA PRO A 315 -0.93 -2.66 -14.33
C PRO A 315 0.27 -3.40 -13.82
N TRP A 316 1.34 -2.65 -13.45
CA TRP A 316 2.57 -3.26 -12.95
C TRP A 316 2.33 -3.93 -11.60
N ILE A 317 1.64 -3.24 -10.69
CA ILE A 317 1.32 -3.82 -9.40
C ILE A 317 0.50 -5.10 -9.55
N GLU A 318 -0.50 -5.05 -10.42
CA GLU A 318 -1.40 -6.20 -10.60
C GLU A 318 -0.68 -7.37 -11.26
N ASN A 319 0.20 -7.08 -12.21
CA ASN A 319 1.08 -8.10 -12.77
C ASN A 319 1.93 -8.78 -11.69
N ILE A 320 2.62 -7.99 -10.85
CA ILE A 320 3.48 -8.62 -9.82
C ILE A 320 2.63 -9.42 -8.85
N ILE A 321 1.55 -8.82 -8.34
CA ILE A 321 0.81 -9.49 -7.27
C ILE A 321 0.09 -10.73 -7.83
N SER A 322 -0.41 -10.65 -9.07
CA SER A 322 -1.15 -11.82 -9.57
C SER A 322 -0.21 -12.98 -9.89
N ASP A 323 1.05 -12.67 -10.23
CA ASP A 323 1.96 -13.68 -10.73
C ASP A 323 2.80 -14.35 -9.64
N PHE A 324 2.88 -13.74 -8.45
CA PHE A 324 3.73 -14.25 -7.35
C PHE A 324 2.93 -14.36 -6.05
C1 GOL B . -5.88 -3.71 -2.71
O1 GOL B . -6.87 -2.70 -2.61
C2 GOL B . -5.76 -4.47 -1.37
O2 GOL B . -5.04 -3.70 -0.38
C3 GOL B . -7.21 -4.90 -0.99
O3 GOL B . -7.11 -5.77 0.15
H11 GOL B . -5.01 -3.33 -2.93
H12 GOL B . -6.08 -4.34 -3.41
HO1 GOL B . -6.85 -2.44 -1.82
H2 GOL B . -5.22 -5.28 -1.47
HO2 GOL B . -5.45 -3.79 0.35
H31 GOL B . -7.62 -5.32 -1.76
H32 GOL B . -7.73 -4.10 -0.82
HO3 GOL B . -6.73 -6.47 -0.11
C1 GOL C . 9.51 -8.87 18.19
O1 GOL C . 9.78 -9.71 19.24
C2 GOL C . 7.97 -8.68 18.14
O2 GOL C . 7.30 -9.90 18.15
C3 GOL C . 7.66 -7.73 19.34
O3 GOL C . 6.42 -8.06 19.92
H11 GOL C . 9.81 -9.23 17.33
H12 GOL C . 9.94 -8.01 18.28
HO1 GOL C . 9.16 -10.30 19.25
H2 GOL C . 7.67 -8.26 17.31
HO2 GOL C . 6.94 -9.99 18.90
H31 GOL C . 7.69 -6.82 19.01
H32 GOL C . 8.39 -7.81 19.97
HO3 GOL C . 5.85 -8.08 19.29
C1 A1A1Z D . 10.93 18.82 0.18
C2 A1A1Z D . 11.11 16.64 0.46
C3 A1A1Z D . 11.74 15.35 0.56
C4 A1A1Z D . 10.94 14.22 0.79
N2 A1A1Z D . 11.81 17.82 0.24
O1 A1A1Z D . 18.02 16.98 -4.57
O2 A1A1Z D . 20.18 16.49 -5.52
O3 A1A1Z D . 16.09 10.86 0.39
C10 A1A1Z D . 16.83 11.50 -2.40
C11 A1A1Z D . 16.27 12.80 -2.61
C12 A1A1Z D . 17.00 13.90 -3.08
C13 A1A1Z D . 18.38 13.79 -3.38
C14 A1A1Z D . 18.20 15.26 -6.57
C15 A1A1Z D . 16.81 15.13 -6.72
C16 A1A1Z D . 16.19 14.57 -7.84
C17 A1A1Z D . 16.94 14.07 -8.90
C18 A1A1Z D . 18.32 14.18 -8.79
C19 A1A1Z D . 18.90 14.76 -7.66
C20 A1A1Z D . 18.91 12.51 -3.18
C21 A1A1Z D . 18.18 11.42 -2.71
C22 A1A1Z D . 13.63 13.79 0.45
C23 A1A1Z D . 13.13 15.09 0.42
C24 A1A1Z D . 9.77 16.95 0.50
C5 A1A1Z D . 11.47 12.92 0.87
C6 A1A1Z D . 12.82 12.66 0.72
C7 A1A1Z D . 13.32 11.22 0.79
C8 A1A1Z D . 15.39 10.71 -0.54
C9 A1A1Z D . 16.03 10.36 -1.90
N1 A1A1Z D . 11.17 20.14 -0.03
N3 A1A1Z D . 13.98 10.87 -0.45
N4 A1A1Z D . 19.23 14.87 -3.87
N5 A1A1Z D . 9.63 18.32 0.35
S1 A1A1Z D . 18.92 16.00 -5.10
H3 A1A1Z D . 9.87 14.37 0.91
H10 A1A1Z D . 15.20 12.92 -2.37
H11 A1A1Z D . 16.49 14.87 -3.21
H13 A1A1Z D . 16.16 15.49 -5.92
H14 A1A1Z D . 15.10 14.48 -7.95
H15 A1A1Z D . 16.46 13.61 -9.77
H16 A1A1Z D . 18.96 13.81 -9.59
H17 A1A1Z D . 20.00 14.81 -7.68
H18 A1A1Z D . 19.97 12.34 -3.39
H19 A1A1Z D . 18.73 10.47 -2.60
H20 A1A1Z D . 14.70 13.64 0.26
H21 A1A1Z D . 13.85 15.90 0.28
H22 A1A1Z D . 8.86 16.36 0.62
H4 A1A1Z D . 10.81 12.05 1.05
H6 A1A1Z D . 12.50 10.49 1.00
H5 A1A1Z D . 14.01 11.05 1.66
H8 A1A1Z D . 16.65 9.45 -1.82
H9 A1A1Z D . 15.26 10.05 -2.64
H1 A1A1Z D . 12.10 20.46 -0.20
H2 A1A1Z D . 10.48 20.85 -0.05
H7 A1A1Z D . 13.40 10.75 -1.23
H12 A1A1Z D . 20.11 14.91 -3.37
H23 A1A1Z D . 8.79 18.84 0.35
#